data_3ZRA
#
_entry.id   3ZRA
#
_cell.length_a   56.305
_cell.length_b   64.114
_cell.length_c   69.932
_cell.angle_alpha   90.00
_cell.angle_beta   96.53
_cell.angle_gamma   90.00
#
_symmetry.space_group_name_H-M   'P 1 21 1'
#
loop_
_entity.id
_entity.type
_entity.pdbx_description
1 polymer 'PROGESTERONE RECEPTOR'
2 non-polymer N-{(1R)-1-[4-(2-CHLORO-5-FLUOROPYRIDIN-3-YL)PHENYL]ETHYL}-3,5-DIMETHYLISOXAZOLE-4-SULFONAMIDE
3 non-polymer 'SULFATE ION'
4 water water
#
_entity_poly.entity_id   1
_entity_poly.type   'polypeptide(L)'
_entity_poly.pdbx_seq_one_letter_code
;GSHMGQDIQLIPPLINLLMSIEPDVIYAGHDNTKPDTSSSLLTSLNQLGERQLLSVVKWSKSLPGFRNLHIDDQITLIQY
SWMSLMVFGLGWRSYKHVSGQMLYFAPDLILNEQRMKESSFYSLCLTMWQIPQEFVKLQVSQEEFLCMKVLLLLNTIPLE
GLRSQTQFEEMRSSYIRELIKAIGLRQKGVVSSSQRFYQLTKLLDNLHDLVKQLHLYCLNTFIQSRALSVEFPEMMSEVI
AAQLPKILAGMVKPLLFHKK
;
_entity_poly.pdbx_strand_id   A,B
#
loop_
_chem_comp.id
_chem_comp.type
_chem_comp.name
_chem_comp.formula
ORB non-polymer N-{(1R)-1-[4-(2-CHLORO-5-FLUOROPYRIDIN-3-YL)PHENYL]ETHYL}-3,5-DIMETHYLISOXAZOLE-4-SULFONAMIDE 'C18 H17 Cl F N3 O3 S'
SO4 non-polymer 'SULFATE ION' 'O4 S -2'
#
# COMPACT_ATOMS: atom_id res chain seq x y z
N LEU A 10 -3.42 -5.15 -28.07
CA LEU A 10 -2.90 -5.02 -26.69
C LEU A 10 -3.82 -4.14 -25.87
N ILE A 11 -3.63 -4.17 -24.55
CA ILE A 11 -4.48 -3.41 -23.63
C ILE A 11 -4.09 -1.94 -23.69
N PRO A 12 -5.07 -1.04 -23.91
CA PRO A 12 -4.81 0.40 -23.87
C PRO A 12 -4.19 0.84 -22.55
N PRO A 13 -3.18 1.73 -22.60
CA PRO A 13 -2.41 2.05 -21.39
C PRO A 13 -3.22 2.61 -20.21
N LEU A 14 -4.27 3.40 -20.45
CA LEU A 14 -5.07 3.93 -19.34
C LEU A 14 -5.82 2.78 -18.66
N ILE A 15 -6.24 1.80 -19.45
CA ILE A 15 -6.87 0.59 -18.90
C ILE A 15 -5.84 -0.22 -18.08
N ASN A 16 -4.61 -0.33 -18.57
CA ASN A 16 -3.51 -0.95 -17.80
C ASN A 16 -3.18 -0.18 -16.51
N LEU A 17 -3.28 1.14 -16.55
CA LEU A 17 -3.12 1.95 -15.35
C LEU A 17 -4.24 1.65 -14.34
N LEU A 18 -5.49 1.62 -14.82
CA LEU A 18 -6.63 1.33 -13.96
C LEU A 18 -6.51 0.00 -13.23
N MET A 19 -5.90 -0.99 -13.87
CA MET A 19 -5.69 -2.28 -13.22
C MET A 19 -4.61 -2.21 -12.12
N SER A 20 -3.55 -1.44 -12.35
CA SER A 20 -2.46 -1.31 -11.37
C SER A 20 -2.86 -0.54 -10.10
N ILE A 21 -3.91 0.27 -10.17
CA ILE A 21 -4.35 1.03 -9.00
C ILE A 21 -5.58 0.44 -8.29
N GLU A 22 -6.14 -0.63 -8.85
CA GLU A 22 -7.27 -1.33 -8.24
C GLU A 22 -6.99 -1.70 -6.79
N PRO A 23 -7.92 -1.42 -5.88
CA PRO A 23 -7.66 -1.76 -4.47
C PRO A 23 -7.35 -3.22 -4.25
N ASP A 24 -6.41 -3.49 -3.33
CA ASP A 24 -6.10 -4.86 -2.93
C ASP A 24 -7.22 -5.43 -2.05
N VAL A 25 -7.15 -6.74 -1.83
CA VAL A 25 -8.16 -7.48 -1.06
C VAL A 25 -8.34 -6.87 0.33
N ILE A 26 -9.60 -6.75 0.76
CA ILE A 26 -9.91 -6.20 2.08
C ILE A 26 -10.74 -7.20 2.88
N TYR A 27 -10.24 -7.53 4.07
CA TYR A 27 -10.88 -8.51 4.95
C TYR A 27 -11.91 -7.81 5.84
N ALA A 28 -13.06 -8.44 6.03
CA ALA A 28 -14.18 -7.85 6.80
C ALA A 28 -13.90 -7.85 8.29
N GLY A 29 -13.05 -8.78 8.74
CA GLY A 29 -12.74 -8.95 10.16
C GLY A 29 -13.82 -9.72 10.88
N HIS A 30 -14.58 -10.55 10.15
CA HIS A 30 -15.73 -11.23 10.71
C HIS A 30 -15.33 -12.53 11.41
N ASP A 31 -15.76 -12.66 12.67
CA ASP A 31 -15.58 -13.90 13.42
C ASP A 31 -16.56 -14.97 12.92
N ASN A 32 -16.04 -15.92 12.15
CA ASN A 32 -16.85 -16.98 11.53
C ASN A 32 -17.10 -18.20 12.44
N THR A 33 -16.45 -18.22 13.60
CA THR A 33 -16.56 -19.36 14.52
C THR A 33 -17.83 -19.32 15.39
N LYS A 34 -18.48 -18.15 15.47
CA LYS A 34 -19.76 -17.98 16.16
C LYS A 34 -20.92 -17.88 15.15
N PRO A 35 -22.13 -18.34 15.54
CA PRO A 35 -23.30 -18.23 14.65
C PRO A 35 -23.65 -16.80 14.25
N ASP A 36 -24.30 -16.65 13.10
CA ASP A 36 -24.74 -15.33 12.64
C ASP A 36 -25.83 -14.77 13.52
N THR A 37 -25.73 -13.48 13.79
CA THR A 37 -26.84 -12.69 14.30
C THR A 37 -26.91 -11.43 13.44
N SER A 38 -28.10 -10.84 13.34
CA SER A 38 -28.31 -9.62 12.59
C SER A 38 -27.25 -8.56 12.90
N SER A 39 -27.05 -8.28 14.19
CA SER A 39 -26.12 -7.24 14.63
C SER A 39 -24.65 -7.52 14.32
N SER A 40 -24.23 -8.77 14.47
CA SER A 40 -22.83 -9.13 14.19
C SER A 40 -22.53 -8.98 12.71
N LEU A 41 -23.44 -9.48 11.87
CA LEU A 41 -23.28 -9.39 10.42
C LEU A 41 -23.32 -7.95 9.93
N LEU A 42 -24.34 -7.21 10.36
CA LEU A 42 -24.50 -5.82 9.93
C LEU A 42 -23.32 -4.97 10.41
N THR A 43 -22.87 -5.19 11.64
CA THR A 43 -21.67 -4.52 12.14
C THR A 43 -20.44 -4.82 11.29
N SER A 44 -20.21 -6.09 10.95
CA SER A 44 -19.07 -6.47 10.14
C SER A 44 -19.14 -5.82 8.77
N LEU A 45 -20.33 -5.84 8.17
CA LEU A 45 -20.53 -5.23 6.86
C LEU A 45 -20.25 -3.73 6.88
N ASN A 46 -20.65 -3.03 7.95
CA ASN A 46 -20.33 -1.60 8.07
C ASN A 46 -18.84 -1.33 8.26
N GLN A 47 -18.17 -2.20 9.02
CA GLN A 47 -16.72 -2.11 9.25
C GLN A 47 -15.97 -2.32 7.93
N LEU A 48 -16.41 -3.32 7.17
CA LEU A 48 -15.91 -3.57 5.82
C LEU A 48 -16.18 -2.34 4.96
N GLY A 49 -17.41 -1.83 5.03
CA GLY A 49 -17.82 -0.59 4.37
C GLY A 49 -16.88 0.57 4.63
N GLU A 50 -16.50 0.76 5.89
CA GLU A 50 -15.55 1.80 6.26
C GLU A 50 -14.16 1.63 5.60
N ARG A 51 -13.64 0.39 5.61
CA ARG A 51 -12.36 0.09 4.99
C ARG A 51 -12.40 0.26 3.46
N GLN A 52 -13.47 -0.21 2.84
CA GLN A 52 -13.66 -0.02 1.40
C GLN A 52 -13.78 1.46 1.03
N LEU A 53 -14.43 2.25 1.87
CA LEU A 53 -14.54 3.67 1.63
C LEU A 53 -13.17 4.32 1.68
N LEU A 54 -12.35 3.91 2.65
CA LEU A 54 -11.00 4.44 2.74
C LEU A 54 -10.17 4.12 1.50
N SER A 55 -10.35 2.91 0.96
CA SER A 55 -9.64 2.47 -0.25
C SER A 55 -10.14 3.21 -1.52
N VAL A 56 -11.44 3.54 -1.55
CA VAL A 56 -11.99 4.36 -2.66
C VAL A 56 -11.32 5.73 -2.68
N VAL A 57 -11.11 6.30 -1.50
CA VAL A 57 -10.44 7.60 -1.38
C VAL A 57 -9.00 7.50 -1.86
N LYS A 58 -8.28 6.47 -1.40
CA LYS A 58 -6.90 6.26 -1.85
C LYS A 58 -6.86 6.05 -3.37
N TRP A 59 -7.74 5.17 -3.87
CA TRP A 59 -7.89 4.92 -5.31
C TRP A 59 -8.10 6.21 -6.13
N SER A 60 -8.99 7.07 -5.65
CA SER A 60 -9.32 8.30 -6.35
C SER A 60 -8.09 9.22 -6.45
N LYS A 61 -7.17 9.14 -5.49
CA LYS A 61 -5.98 9.98 -5.53
C LYS A 61 -4.99 9.47 -6.58
N SER A 62 -5.16 8.21 -7.01
CA SER A 62 -4.31 7.56 -8.02
C SER A 62 -4.97 7.54 -9.41
N LEU A 63 -6.23 7.95 -9.44
CA LEU A 63 -7.07 7.83 -10.61
C LEU A 63 -6.80 9.03 -11.52
N PRO A 64 -6.27 8.78 -12.73
CA PRO A 64 -5.88 9.92 -13.57
C PRO A 64 -7.02 10.94 -13.84
N GLY A 65 -6.73 12.22 -13.62
CA GLY A 65 -7.71 13.28 -13.80
C GLY A 65 -8.34 13.77 -12.51
N PHE A 66 -8.56 12.89 -11.54
CA PHE A 66 -9.49 13.19 -10.45
C PHE A 66 -8.92 14.23 -9.52
N ARG A 67 -7.64 14.06 -9.20
CA ARG A 67 -6.90 14.99 -8.34
C ARG A 67 -6.81 16.44 -8.90
N ASN A 68 -7.16 16.62 -10.18
CA ASN A 68 -7.11 17.94 -10.81
C ASN A 68 -8.43 18.72 -10.74
N LEU A 69 -9.49 18.06 -10.28
CA LEU A 69 -10.73 18.76 -9.94
C LEU A 69 -10.55 19.53 -8.63
N HIS A 70 -11.36 20.57 -8.44
CA HIS A 70 -11.39 21.30 -7.17
C HIS A 70 -11.56 20.32 -5.99
N ILE A 71 -10.91 20.57 -4.86
CA ILE A 71 -10.98 19.65 -3.71
C ILE A 71 -12.42 19.42 -3.22
N ASP A 72 -13.27 20.44 -3.30
CA ASP A 72 -14.69 20.32 -2.94
C ASP A 72 -15.40 19.37 -3.88
N ASP A 73 -15.09 19.46 -5.18
CA ASP A 73 -15.68 18.53 -6.17
C ASP A 73 -15.30 17.07 -5.91
N GLN A 74 -14.04 16.81 -5.55
CA GLN A 74 -13.60 15.44 -5.32
C GLN A 74 -14.44 14.85 -4.18
N ILE A 75 -14.55 15.61 -3.09
CA ILE A 75 -15.30 15.19 -1.91
C ILE A 75 -16.75 14.90 -2.25
N THR A 76 -17.37 15.80 -3.00
CA THR A 76 -18.77 15.67 -3.37
C THR A 76 -19.01 14.41 -4.19
N LEU A 77 -18.17 14.17 -5.18
CA LEU A 77 -18.29 13.00 -6.06
C LEU A 77 -18.09 11.66 -5.33
N ILE A 78 -17.14 11.61 -4.38
CA ILE A 78 -17.03 10.44 -3.50
C ILE A 78 -18.28 10.28 -2.61
N GLN A 79 -18.75 11.37 -2.02
CA GLN A 79 -19.98 11.37 -1.18
C GLN A 79 -21.24 10.97 -1.94
N TYR A 80 -21.28 11.30 -3.23
CA TYR A 80 -22.39 10.91 -4.09
C TYR A 80 -22.35 9.44 -4.54
N SER A 81 -21.17 8.94 -4.88
CA SER A 81 -21.02 7.64 -5.58
C SER A 81 -20.55 6.43 -4.75
N TRP A 82 -20.19 6.60 -3.49
CA TRP A 82 -19.57 5.49 -2.73
C TRP A 82 -20.42 4.22 -2.72
N MET A 83 -21.74 4.37 -2.64
CA MET A 83 -22.64 3.22 -2.55
C MET A 83 -22.67 2.48 -3.88
N SER A 84 -22.72 3.23 -4.99
CA SER A 84 -22.66 2.61 -6.30
C SER A 84 -21.35 1.85 -6.50
N LEU A 85 -20.24 2.47 -6.11
CA LEU A 85 -18.92 1.85 -6.23
C LEU A 85 -18.78 0.59 -5.36
N MET A 86 -19.35 0.61 -4.16
CA MET A 86 -19.21 -0.51 -3.24
C MET A 86 -19.99 -1.74 -3.75
N VAL A 87 -21.18 -1.50 -4.30
CA VAL A 87 -22.01 -2.60 -4.80
C VAL A 87 -21.56 -3.10 -6.17
N PHE A 88 -20.96 -2.23 -6.96
CA PHE A 88 -20.35 -2.61 -8.22
C PHE A 88 -19.14 -3.49 -7.92
N GLY A 89 -18.32 -3.06 -6.95
CA GLY A 89 -17.21 -3.87 -6.46
C GLY A 89 -17.61 -5.24 -5.93
N LEU A 90 -18.69 -5.29 -5.14
CA LEU A 90 -19.23 -6.56 -4.64
C LEU A 90 -19.61 -7.44 -5.81
N GLY A 91 -20.30 -6.86 -6.79
CA GLY A 91 -20.71 -7.60 -7.98
C GLY A 91 -19.52 -8.25 -8.70
N TRP A 92 -18.44 -7.49 -8.85
CA TRP A 92 -17.26 -8.00 -9.56
C TRP A 92 -16.54 -9.11 -8.78
N ARG A 93 -16.22 -8.87 -7.50
CA ARG A 93 -15.64 -9.91 -6.66
C ARG A 93 -16.49 -11.19 -6.67
N SER A 94 -17.81 -11.03 -6.56
CA SER A 94 -18.71 -12.18 -6.55
C SER A 94 -18.63 -12.95 -7.87
N TYR A 95 -18.60 -12.21 -8.97
CA TYR A 95 -18.50 -12.78 -10.32
C TYR A 95 -17.18 -13.54 -10.47
N LYS A 96 -16.08 -12.88 -10.08
CA LYS A 96 -14.73 -13.38 -10.30
C LYS A 96 -14.32 -14.57 -9.41
N HIS A 97 -14.84 -14.64 -8.18
CA HIS A 97 -14.36 -15.64 -7.23
C HIS A 97 -15.33 -16.80 -7.00
N VAL A 98 -16.63 -16.52 -7.04
CA VAL A 98 -17.61 -17.57 -6.81
C VAL A 98 -18.63 -17.65 -7.95
N SER A 99 -18.18 -17.36 -9.17
CA SER A 99 -19.02 -17.45 -10.37
C SER A 99 -20.35 -16.70 -10.23
N GLY A 100 -20.35 -15.63 -9.44
CA GLY A 100 -21.54 -14.80 -9.22
C GLY A 100 -22.64 -15.42 -8.36
N GLN A 101 -22.38 -16.61 -7.79
CA GLN A 101 -23.42 -17.39 -7.11
C GLN A 101 -23.39 -17.34 -5.56
N MET A 102 -22.49 -16.55 -4.99
CA MET A 102 -22.55 -16.15 -3.58
C MET A 102 -22.22 -14.66 -3.55
N LEU A 103 -22.60 -13.97 -2.47
CA LEU A 103 -22.15 -12.59 -2.27
C LEU A 103 -20.78 -12.57 -1.57
N TYR A 104 -19.75 -12.17 -2.32
CA TYR A 104 -18.34 -12.16 -1.86
C TYR A 104 -17.96 -10.79 -1.32
N PHE A 105 -18.43 -10.47 -0.12
CA PHE A 105 -18.15 -9.17 0.50
C PHE A 105 -16.66 -9.06 0.80
N ALA A 106 -16.09 -10.16 1.28
CA ALA A 106 -14.67 -10.30 1.53
C ALA A 106 -14.32 -11.80 1.59
N PRO A 107 -13.01 -12.15 1.56
CA PRO A 107 -12.61 -13.57 1.68
C PRO A 107 -13.10 -14.24 2.96
N ASP A 108 -13.19 -13.48 4.05
CA ASP A 108 -13.68 -13.98 5.34
C ASP A 108 -15.14 -13.64 5.59
N LEU A 109 -15.84 -13.09 4.59
CA LEU A 109 -17.27 -12.78 4.71
C LEU A 109 -17.97 -13.05 3.38
N ILE A 110 -18.41 -14.29 3.21
CA ILE A 110 -19.02 -14.78 1.98
C ILE A 110 -20.38 -15.37 2.31
N LEU A 111 -21.43 -14.88 1.66
CA LEU A 111 -22.79 -15.35 1.93
C LEU A 111 -23.33 -16.09 0.72
N ASN A 112 -23.39 -17.43 0.81
CA ASN A 112 -24.18 -18.22 -0.13
C ASN A 112 -25.66 -17.98 0.13
N GLU A 113 -26.54 -18.45 -0.77
CA GLU A 113 -27.96 -18.10 -0.67
C GLU A 113 -28.61 -18.56 0.63
N GLN A 114 -28.18 -19.70 1.15
CA GLN A 114 -28.75 -20.21 2.39
C GLN A 114 -28.44 -19.29 3.56
N ARG A 115 -27.23 -18.72 3.55
CA ARG A 115 -26.82 -17.74 4.55
C ARG A 115 -27.60 -16.44 4.38
N MET A 116 -27.92 -16.09 3.12
CA MET A 116 -28.74 -14.92 2.83
C MET A 116 -30.14 -15.13 3.41
N LYS A 117 -30.76 -16.26 3.06
CA LYS A 117 -32.10 -16.60 3.55
C LYS A 117 -32.21 -16.49 5.07
N GLU A 118 -31.18 -16.98 5.77
CA GLU A 118 -31.16 -17.02 7.24
C GLU A 118 -30.76 -15.69 7.88
N SER A 119 -30.32 -14.72 7.07
CA SER A 119 -30.03 -13.38 7.59
C SER A 119 -31.35 -12.64 7.86
N SER A 120 -31.24 -11.49 8.50
CA SER A 120 -32.41 -10.64 8.77
C SER A 120 -32.62 -9.64 7.63
N PHE A 121 -31.93 -9.84 6.50
CA PHE A 121 -32.02 -8.92 5.36
C PHE A 121 -31.92 -9.68 4.04
N TYR A 122 -32.78 -10.67 3.86
CA TYR A 122 -32.83 -11.47 2.65
C TYR A 122 -33.10 -10.60 1.41
N SER A 123 -34.09 -9.71 1.50
CA SER A 123 -34.47 -8.88 0.36
C SER A 123 -33.30 -7.98 -0.09
N LEU A 124 -32.57 -7.42 0.88
CA LEU A 124 -31.40 -6.60 0.55
C LEU A 124 -30.36 -7.44 -0.18
N CYS A 125 -30.16 -8.68 0.27
CA CYS A 125 -29.21 -9.58 -0.38
C CYS A 125 -29.58 -9.82 -1.84
N LEU A 126 -30.87 -10.08 -2.10
CA LEU A 126 -31.37 -10.33 -3.47
C LEU A 126 -31.17 -9.10 -4.36
N THR A 127 -31.49 -7.93 -3.82
CA THR A 127 -31.26 -6.66 -4.53
C THR A 127 -29.79 -6.48 -4.95
N MET A 128 -28.87 -6.78 -4.03
CA MET A 128 -27.43 -6.65 -4.29
C MET A 128 -26.94 -7.73 -5.26
N TRP A 129 -27.57 -8.91 -5.19
CA TRP A 129 -27.18 -10.09 -5.96
C TRP A 129 -27.46 -9.95 -7.47
N GLN A 130 -28.37 -9.04 -7.85
CA GLN A 130 -28.67 -8.75 -9.27
C GLN A 130 -27.40 -8.39 -10.05
N ILE A 131 -26.53 -7.60 -9.41
CA ILE A 131 -25.39 -7.04 -10.12
C ILE A 131 -24.44 -8.12 -10.64
N PRO A 132 -24.00 -9.05 -9.76
CA PRO A 132 -23.15 -10.12 -10.27
C PRO A 132 -23.87 -11.03 -11.26
N GLN A 133 -25.17 -11.24 -11.07
CA GLN A 133 -25.94 -12.01 -12.05
C GLN A 133 -25.97 -11.30 -13.41
N GLU A 134 -25.85 -9.98 -13.41
CA GLU A 134 -25.84 -9.19 -14.64
C GLU A 134 -24.49 -9.27 -15.37
N PHE A 135 -23.41 -9.25 -14.60
CA PHE A 135 -22.05 -9.45 -15.11
C PHE A 135 -21.89 -10.81 -15.80
N VAL A 136 -22.38 -11.86 -15.13
CA VAL A 136 -22.49 -13.21 -15.71
C VAL A 136 -23.20 -13.20 -17.07
N LYS A 137 -24.37 -12.57 -17.12
CA LYS A 137 -25.18 -12.49 -18.34
C LYS A 137 -24.49 -11.81 -19.53
N LEU A 138 -23.86 -10.67 -19.27
CA LEU A 138 -23.20 -9.87 -20.31
C LEU A 138 -21.74 -10.25 -20.52
N GLN A 139 -21.22 -11.12 -19.65
CA GLN A 139 -19.81 -11.53 -19.70
C GLN A 139 -18.91 -10.30 -19.77
N VAL A 140 -19.01 -9.48 -18.72
CA VAL A 140 -18.29 -8.22 -18.65
C VAL A 140 -16.80 -8.50 -18.43
N SER A 141 -15.97 -7.83 -19.22
CA SER A 141 -14.53 -7.97 -19.13
C SER A 141 -13.99 -7.12 -17.97
N GLN A 142 -12.80 -7.46 -17.50
CA GLN A 142 -12.10 -6.67 -16.49
C GLN A 142 -11.84 -5.25 -17.00
N GLU A 143 -11.58 -5.13 -18.30
CA GLU A 143 -11.29 -3.84 -18.93
C GLU A 143 -12.55 -3.00 -19.02
N GLU A 144 -13.66 -3.60 -19.45
CA GLU A 144 -14.97 -2.92 -19.38
C GLU A 144 -15.30 -2.51 -17.93
N PHE A 145 -15.08 -3.44 -17.00
CA PHE A 145 -15.46 -3.21 -15.61
C PHE A 145 -14.70 -2.00 -15.04
N LEU A 146 -13.40 -1.97 -15.28
CA LEU A 146 -12.53 -0.90 -14.76
C LEU A 146 -12.98 0.48 -15.21
N CYS A 147 -13.40 0.58 -16.48
CA CYS A 147 -13.82 1.85 -17.06
C CYS A 147 -15.19 2.25 -16.58
N MET A 148 -16.10 1.29 -16.49
CA MET A 148 -17.45 1.55 -16.00
C MET A 148 -17.44 2.01 -14.54
N LYS A 149 -16.52 1.47 -13.74
CA LYS A 149 -16.43 1.88 -12.33
C LYS A 149 -16.01 3.35 -12.19
N VAL A 150 -15.09 3.80 -13.05
CA VAL A 150 -14.73 5.22 -13.06
C VAL A 150 -15.93 6.06 -13.44
N LEU A 151 -16.67 5.64 -14.43
CA LEU A 151 -17.86 6.38 -14.81
C LEU A 151 -18.89 6.49 -13.67
N LEU A 152 -19.00 5.46 -12.81
CA LEU A 152 -19.90 5.53 -11.62
C LEU A 152 -19.48 6.66 -10.66
N LEU A 153 -18.18 6.78 -10.40
CA LEU A 153 -17.67 7.90 -9.60
C LEU A 153 -18.12 9.26 -10.16
N LEU A 154 -18.22 9.36 -11.49
CA LEU A 154 -18.50 10.63 -12.14
C LEU A 154 -19.95 10.68 -12.65
N ASN A 155 -20.87 9.97 -12.02
CA ASN A 155 -22.19 9.78 -12.61
C ASN A 155 -23.32 10.62 -12.00
N THR A 156 -22.98 11.45 -11.02
CA THR A 156 -23.95 12.36 -10.40
C THR A 156 -23.24 13.66 -10.01
N ILE A 157 -23.81 14.82 -10.35
CA ILE A 157 -23.25 16.12 -9.95
C ILE A 157 -24.29 16.96 -9.19
N PRO A 158 -23.86 18.02 -8.49
CA PRO A 158 -24.84 18.86 -7.81
C PRO A 158 -25.72 19.60 -8.80
N LEU A 159 -26.94 19.95 -8.40
CA LEU A 159 -27.83 20.73 -9.26
C LEU A 159 -27.18 22.01 -9.77
N GLU A 160 -26.34 22.64 -8.93
CA GLU A 160 -25.66 23.88 -9.32
C GLU A 160 -24.35 23.63 -10.10
N GLY A 161 -24.03 22.35 -10.34
CA GLY A 161 -22.79 21.99 -11.04
C GLY A 161 -21.57 21.94 -10.13
N LEU A 162 -20.43 21.63 -10.72
CA LEU A 162 -19.20 21.52 -9.96
C LEU A 162 -18.41 22.82 -10.09
N ARG A 163 -17.49 23.04 -9.17
CA ARG A 163 -16.58 24.19 -9.24
C ARG A 163 -15.64 24.05 -10.44
N SER A 164 -15.21 22.83 -10.73
CA SER A 164 -14.34 22.52 -11.85
C SER A 164 -15.13 21.80 -12.94
N GLN A 165 -16.23 22.40 -13.38
CA GLN A 165 -17.15 21.73 -14.33
C GLN A 165 -16.49 21.34 -15.65
N THR A 166 -15.67 22.23 -16.22
CA THR A 166 -15.03 21.96 -17.51
C THR A 166 -14.06 20.80 -17.38
N GLN A 167 -13.18 20.86 -16.39
CA GLN A 167 -12.25 19.78 -16.08
C GLN A 167 -12.99 18.46 -15.89
N PHE A 168 -14.11 18.49 -15.16
CA PHE A 168 -14.93 17.29 -14.92
C PHE A 168 -15.47 16.70 -16.22
N GLU A 169 -15.97 17.55 -17.11
CA GLU A 169 -16.54 17.05 -18.36
C GLU A 169 -15.46 16.40 -19.22
N GLU A 170 -14.29 17.03 -19.25
CA GLU A 170 -13.15 16.48 -20.00
C GLU A 170 -12.72 15.13 -19.44
N MET A 171 -12.74 14.97 -18.12
CA MET A 171 -12.36 13.70 -17.51
C MET A 171 -13.38 12.61 -17.83
N ARG A 172 -14.66 12.93 -17.61
CA ARG A 172 -15.74 11.99 -17.85
C ARG A 172 -15.73 11.59 -19.32
N SER A 173 -15.60 12.56 -20.23
CA SER A 173 -15.57 12.25 -21.66
C SER A 173 -14.40 11.33 -22.00
N SER A 174 -13.26 11.52 -21.32
CA SER A 174 -12.12 10.65 -21.58
C SER A 174 -12.36 9.18 -21.19
N TYR A 175 -13.03 8.93 -20.08
CA TYR A 175 -13.29 7.55 -19.66
C TYR A 175 -14.42 6.91 -20.48
N ILE A 176 -15.34 7.72 -20.98
CA ILE A 176 -16.32 7.20 -21.94
C ILE A 176 -15.56 6.72 -23.19
N ARG A 177 -14.66 7.57 -23.72
CA ARG A 177 -13.82 7.17 -24.84
C ARG A 177 -13.04 5.88 -24.52
N GLU A 178 -12.53 5.77 -23.29
CA GLU A 178 -11.77 4.57 -22.90
C GLU A 178 -12.64 3.32 -22.77
N LEU A 179 -13.88 3.49 -22.31
CA LEU A 179 -14.83 2.39 -22.27
C LEU A 179 -15.05 1.85 -23.70
N ILE A 180 -15.23 2.76 -24.65
CA ILE A 180 -15.36 2.40 -26.06
C ILE A 180 -14.16 1.60 -26.58
N LYS A 181 -12.97 1.90 -26.08
CA LYS A 181 -11.77 1.14 -26.46
C LYS A 181 -11.79 -0.25 -25.81
N ALA A 182 -12.30 -0.32 -24.58
CA ALA A 182 -12.39 -1.59 -23.83
C ALA A 182 -13.29 -2.56 -24.58
N ILE A 183 -14.44 -2.03 -25.02
CA ILE A 183 -15.38 -2.76 -25.87
C ILE A 183 -14.72 -3.23 -27.17
N GLY A 184 -13.92 -2.36 -27.77
CA GLY A 184 -13.21 -2.67 -29.00
C GLY A 184 -12.23 -3.84 -28.93
N LEU A 185 -11.73 -4.14 -27.72
CA LEU A 185 -10.81 -5.26 -27.54
C LEU A 185 -11.44 -6.59 -27.94
N ARG A 186 -12.69 -6.80 -27.56
CA ARG A 186 -13.35 -8.06 -27.86
C ARG A 186 -14.33 -7.93 -29.01
N GLN A 187 -15.30 -7.03 -28.88
CA GLN A 187 -16.37 -6.92 -29.89
C GLN A 187 -15.83 -6.30 -31.18
N LYS A 188 -15.59 -7.16 -32.16
CA LYS A 188 -15.17 -6.73 -33.48
C LYS A 188 -16.43 -6.51 -34.31
N GLY A 189 -16.45 -5.43 -35.08
CA GLY A 189 -17.63 -5.07 -35.89
C GLY A 189 -18.31 -3.83 -35.34
N VAL A 190 -18.80 -2.99 -36.23
CA VAL A 190 -19.38 -1.71 -35.84
C VAL A 190 -20.72 -1.87 -35.11
N VAL A 191 -21.57 -2.76 -35.60
CA VAL A 191 -22.93 -2.92 -35.05
C VAL A 191 -22.92 -3.58 -33.67
N SER A 192 -22.05 -4.58 -33.50
CA SER A 192 -21.88 -5.26 -32.21
C SER A 192 -21.25 -4.35 -31.13
N SER A 193 -20.33 -3.48 -31.52
CA SER A 193 -19.63 -2.59 -30.59
C SER A 193 -20.51 -1.43 -30.12
N SER A 194 -21.29 -0.88 -31.05
CA SER A 194 -22.23 0.19 -30.74
C SER A 194 -23.43 -0.31 -29.91
N GLN A 195 -23.84 -1.55 -30.15
CA GLN A 195 -24.88 -2.18 -29.32
C GLN A 195 -24.32 -2.53 -27.93
N ARG A 196 -23.07 -2.97 -27.89
CA ARG A 196 -22.40 -3.26 -26.63
C ARG A 196 -22.28 -2.00 -25.78
N PHE A 197 -21.91 -0.88 -26.41
CA PHE A 197 -21.84 0.41 -25.71
C PHE A 197 -23.21 0.83 -25.14
N TYR A 198 -24.29 0.55 -25.87
CA TYR A 198 -25.64 0.87 -25.40
C TYR A 198 -26.02 0.00 -24.19
N GLN A 199 -25.69 -1.28 -24.26
CA GLN A 199 -25.94 -2.25 -23.17
C GLN A 199 -25.22 -1.85 -21.88
N LEU A 200 -23.90 -1.65 -21.95
CA LEU A 200 -23.11 -1.34 -20.75
C LEU A 200 -23.52 0.01 -20.16
N THR A 201 -23.74 1.02 -21.02
CA THR A 201 -24.13 2.33 -20.53
C THR A 201 -25.53 2.31 -19.91
N LYS A 202 -26.46 1.56 -20.51
CA LYS A 202 -27.81 1.41 -19.95
C LYS A 202 -27.81 0.70 -18.60
N LEU A 203 -26.90 -0.27 -18.44
CA LEU A 203 -26.71 -0.93 -17.15
C LEU A 203 -26.32 0.11 -16.08
N LEU A 204 -25.40 1.00 -16.43
CA LEU A 204 -25.07 2.14 -15.56
C LEU A 204 -26.30 3.03 -15.28
N ASP A 205 -27.06 3.42 -16.31
CA ASP A 205 -28.32 4.16 -16.09
C ASP A 205 -29.19 3.41 -15.08
N ASN A 206 -29.37 2.12 -15.31
CA ASN A 206 -30.23 1.28 -14.48
C ASN A 206 -29.77 1.15 -13.03
N LEU A 207 -28.47 1.33 -12.79
CA LEU A 207 -27.94 1.25 -11.44
C LEU A 207 -28.52 2.31 -10.51
N HIS A 208 -28.77 3.51 -11.03
CA HIS A 208 -29.35 4.59 -10.23
C HIS A 208 -30.57 4.11 -9.42
N ASP A 209 -31.43 3.29 -10.02
CA ASP A 209 -32.63 2.77 -9.34
C ASP A 209 -32.29 1.77 -8.23
N LEU A 210 -31.43 0.81 -8.55
CA LEU A 210 -30.99 -0.20 -7.58
C LEU A 210 -30.32 0.49 -6.38
N VAL A 211 -29.38 1.38 -6.68
CA VAL A 211 -28.66 2.15 -5.67
C VAL A 211 -29.62 2.95 -4.76
N LYS A 212 -30.65 3.54 -5.35
CA LYS A 212 -31.64 4.29 -4.59
C LYS A 212 -32.30 3.43 -3.49
N GLN A 213 -32.60 2.17 -3.79
CA GLN A 213 -33.11 1.22 -2.79
C GLN A 213 -32.08 0.95 -1.67
N LEU A 214 -30.80 0.89 -2.02
CA LEU A 214 -29.74 0.70 -1.03
C LEU A 214 -29.59 1.96 -0.16
N HIS A 215 -29.69 3.12 -0.81
CA HIS A 215 -29.64 4.39 -0.10
C HIS A 215 -30.76 4.50 0.94
N LEU A 216 -31.98 4.08 0.60
CA LEU A 216 -33.12 4.14 1.53
C LEU A 216 -32.92 3.18 2.70
N TYR A 217 -32.52 1.95 2.39
CA TYR A 217 -32.19 0.95 3.39
C TYR A 217 -31.06 1.43 4.31
N CYS A 218 -30.08 2.08 3.72
CA CYS A 218 -28.95 2.64 4.47
C CYS A 218 -29.44 3.72 5.44
N LEU A 219 -30.24 4.65 4.93
CA LEU A 219 -30.73 5.74 5.76
C LEU A 219 -31.62 5.21 6.89
N ASN A 220 -32.48 4.27 6.57
CA ASN A 220 -33.35 3.70 7.59
C ASN A 220 -32.53 3.00 8.68
N THR A 221 -31.54 2.21 8.26
CA THR A 221 -30.64 1.52 9.18
C THR A 221 -29.82 2.51 10.04
N PHE A 222 -29.35 3.58 9.42
CA PHE A 222 -28.61 4.63 10.14
C PHE A 222 -29.45 5.26 11.26
N ILE A 223 -30.66 5.68 10.89
CA ILE A 223 -31.61 6.23 11.85
C ILE A 223 -31.84 5.30 13.03
N GLN A 224 -31.98 4.01 12.72
CA GLN A 224 -32.34 2.99 13.69
C GLN A 224 -31.14 2.25 14.32
N SER A 225 -29.92 2.74 14.06
CA SER A 225 -28.70 1.98 14.39
C SER A 225 -28.56 1.59 15.87
N ARG A 226 -29.03 2.44 16.79
CA ARG A 226 -28.96 2.13 18.23
C ARG A 226 -29.88 0.96 18.63
N ALA A 227 -31.10 0.97 18.08
CA ALA A 227 -32.06 -0.12 18.33
C ALA A 227 -31.59 -1.45 17.71
N LEU A 228 -31.02 -1.37 16.51
CA LEU A 228 -30.55 -2.57 15.79
C LEU A 228 -29.20 -3.10 16.30
N SER A 229 -28.46 -2.31 17.08
CA SER A 229 -27.13 -2.67 17.55
C SER A 229 -26.14 -2.80 16.38
N VAL A 230 -26.18 -1.81 15.50
CA VAL A 230 -25.34 -1.79 14.29
C VAL A 230 -24.56 -0.47 14.27
N GLU A 231 -23.27 -0.51 14.60
CA GLU A 231 -22.49 0.73 14.63
C GLU A 231 -22.11 1.19 13.24
N PHE A 232 -22.07 2.50 13.07
CA PHE A 232 -21.63 3.14 11.85
C PHE A 232 -20.30 3.84 12.15
N PRO A 233 -19.21 3.37 11.53
CA PRO A 233 -17.91 3.99 11.77
C PRO A 233 -17.80 5.42 11.24
N GLU A 234 -16.67 6.05 11.52
CA GLU A 234 -16.49 7.49 11.36
C GLU A 234 -16.72 8.01 9.94
N MET A 235 -15.92 7.59 8.97
CA MET A 235 -16.03 8.19 7.62
C MET A 235 -17.38 7.88 6.96
N MET A 236 -17.88 6.66 7.15
CA MET A 236 -19.20 6.29 6.65
C MET A 236 -20.31 7.19 7.23
N SER A 237 -20.28 7.41 8.54
CA SER A 237 -21.23 8.30 9.20
C SER A 237 -21.16 9.70 8.60
N GLU A 238 -19.95 10.16 8.28
CA GLU A 238 -19.76 11.47 7.67
C GLU A 238 -20.38 11.59 6.28
N VAL A 239 -20.12 10.65 5.38
CA VAL A 239 -20.67 10.74 4.03
C VAL A 239 -22.20 10.61 4.00
N ILE A 240 -22.75 9.79 4.89
CA ILE A 240 -24.20 9.65 5.05
C ILE A 240 -24.82 10.97 5.50
N ALA A 241 -24.32 11.50 6.61
CA ALA A 241 -24.78 12.76 7.17
C ALA A 241 -24.58 13.93 6.21
N ALA A 242 -23.50 13.88 5.40
CA ALA A 242 -23.16 14.97 4.48
C ALA A 242 -24.10 15.12 3.29
N GLN A 243 -24.58 14.00 2.72
CA GLN A 243 -25.29 14.04 1.43
C GLN A 243 -26.49 13.11 1.26
N LEU A 244 -26.64 12.07 2.09
CA LEU A 244 -27.62 11.01 1.76
C LEU A 244 -29.09 11.49 1.68
N PRO A 245 -29.55 12.33 2.63
CA PRO A 245 -30.92 12.83 2.47
C PRO A 245 -31.13 13.59 1.15
N LYS A 246 -30.17 14.47 0.82
CA LYS A 246 -30.19 15.22 -0.44
C LYS A 246 -30.26 14.32 -1.68
N ILE A 247 -29.43 13.27 -1.70
CA ILE A 247 -29.45 12.27 -2.76
C ILE A 247 -30.78 11.53 -2.87
N LEU A 248 -31.29 11.01 -1.76
CA LEU A 248 -32.61 10.37 -1.74
C LEU A 248 -33.71 11.29 -2.26
N ALA A 249 -33.64 12.57 -1.87
CA ALA A 249 -34.63 13.57 -2.28
C ALA A 249 -34.56 13.90 -3.78
N GLY A 250 -33.55 13.39 -4.48
CA GLY A 250 -33.33 13.75 -5.87
C GLY A 250 -32.85 15.17 -6.05
N MET A 251 -32.29 15.78 -4.99
CA MET A 251 -31.77 17.16 -5.08
C MET A 251 -30.32 17.18 -5.54
N VAL A 252 -30.04 16.30 -6.49
CA VAL A 252 -28.77 16.23 -7.20
C VAL A 252 -29.11 15.97 -8.66
N LYS A 253 -28.10 15.92 -9.53
CA LYS A 253 -28.34 15.66 -10.94
C LYS A 253 -27.73 14.32 -11.36
N PRO A 254 -28.58 13.29 -11.55
CA PRO A 254 -28.06 12.04 -12.10
C PRO A 254 -27.68 12.25 -13.56
N LEU A 255 -26.45 11.91 -13.92
CA LEU A 255 -26.09 11.92 -15.33
C LEU A 255 -26.62 10.62 -15.96
N LEU A 256 -27.29 10.77 -17.10
CA LEU A 256 -27.81 9.64 -17.85
C LEU A 256 -27.17 9.61 -19.23
N PHE A 257 -26.93 8.39 -19.72
CA PHE A 257 -26.41 8.18 -21.07
C PHE A 257 -27.53 8.20 -22.10
N HIS A 258 -28.71 7.76 -21.70
CA HIS A 258 -29.87 7.70 -22.60
C HIS A 258 -31.09 8.25 -21.90
N LYS A 259 -32.01 8.81 -22.69
CA LYS A 259 -33.26 9.32 -22.18
C LYS A 259 -34.18 8.15 -21.80
N LEU B 10 41.67 15.39 -0.48
CA LEU B 10 41.59 14.02 -1.07
C LEU B 10 40.80 13.09 -0.13
N ILE B 11 40.39 11.94 -0.66
CA ILE B 11 39.51 11.04 0.06
C ILE B 11 40.34 10.14 0.96
N PRO B 12 40.01 10.07 2.26
CA PRO B 12 40.70 9.15 3.15
C PRO B 12 40.64 7.71 2.63
N PRO B 13 41.71 6.93 2.81
CA PRO B 13 41.78 5.60 2.23
C PRO B 13 40.72 4.63 2.71
N LEU B 14 40.35 4.68 3.99
CA LEU B 14 39.27 3.80 4.47
C LEU B 14 37.98 4.13 3.76
N ILE B 15 37.69 5.42 3.53
CA ILE B 15 36.46 5.78 2.80
C ILE B 15 36.53 5.30 1.35
N ASN B 16 37.69 5.48 0.70
CA ASN B 16 37.92 4.92 -0.65
C ASN B 16 37.63 3.42 -0.68
N LEU B 17 38.11 2.71 0.33
CA LEU B 17 37.91 1.25 0.38
C LEU B 17 36.43 0.89 0.53
N LEU B 18 35.75 1.58 1.42
CA LEU B 18 34.30 1.43 1.57
C LEU B 18 33.58 1.65 0.25
N MET B 19 33.99 2.67 -0.51
CA MET B 19 33.40 2.91 -1.85
C MET B 19 33.59 1.68 -2.76
N SER B 20 34.81 1.13 -2.73
CA SER B 20 35.18 0.00 -3.59
C SER B 20 34.43 -1.29 -3.28
N ILE B 21 34.01 -1.49 -2.03
CA ILE B 21 33.34 -2.73 -1.64
C ILE B 21 31.80 -2.66 -1.62
N GLU B 22 31.25 -1.52 -2.02
CA GLU B 22 29.81 -1.39 -2.22
C GLU B 22 29.33 -2.39 -3.28
N PRO B 23 28.17 -3.03 -3.03
CA PRO B 23 27.72 -4.02 -4.01
C PRO B 23 27.36 -3.41 -5.34
N ASP B 24 27.39 -4.22 -6.39
CA ASP B 24 26.83 -3.82 -7.67
C ASP B 24 25.30 -3.74 -7.53
N VAL B 25 24.64 -3.26 -8.58
CA VAL B 25 23.20 -3.14 -8.65
C VAL B 25 22.51 -4.52 -8.46
N ILE B 26 21.47 -4.53 -7.65
CA ILE B 26 20.74 -5.74 -7.35
C ILE B 26 19.31 -5.60 -7.85
N TYR B 27 18.93 -6.50 -8.76
CA TYR B 27 17.58 -6.53 -9.30
C TYR B 27 16.69 -7.40 -8.43
N ALA B 28 15.40 -7.07 -8.43
CA ALA B 28 14.39 -7.84 -7.70
C ALA B 28 14.00 -9.09 -8.47
N GLY B 29 14.14 -9.06 -9.80
CA GLY B 29 13.58 -10.10 -10.68
C GLY B 29 12.08 -9.91 -10.90
N HIS B 30 11.62 -8.66 -10.78
CA HIS B 30 10.22 -8.33 -10.89
C HIS B 30 9.83 -8.13 -12.35
N ASP B 31 8.71 -8.71 -12.74
CA ASP B 31 8.20 -8.64 -14.11
C ASP B 31 7.13 -7.54 -14.24
N ASN B 32 7.47 -6.47 -14.95
CA ASN B 32 6.55 -5.34 -15.19
C ASN B 32 5.29 -5.69 -16.01
N THR B 33 5.26 -6.86 -16.66
CA THR B 33 4.13 -7.21 -17.55
C THR B 33 2.86 -7.51 -16.74
N LYS B 34 3.02 -8.16 -15.60
CA LYS B 34 1.92 -8.45 -14.69
C LYS B 34 1.72 -7.25 -13.75
N PRO B 35 0.49 -6.69 -13.72
CA PRO B 35 0.19 -5.74 -12.65
C PRO B 35 0.19 -6.46 -11.28
N ASP B 36 0.56 -5.71 -10.24
CA ASP B 36 0.75 -6.29 -8.93
C ASP B 36 -0.59 -6.65 -8.24
N THR B 37 -0.58 -7.71 -7.44
CA THR B 37 -1.55 -7.85 -6.34
C THR B 37 -0.75 -7.65 -5.07
N SER B 38 -1.41 -7.64 -3.92
CA SER B 38 -0.69 -7.58 -2.65
C SER B 38 0.32 -8.72 -2.55
N SER B 39 -0.12 -9.94 -2.87
CA SER B 39 0.72 -11.12 -2.74
C SER B 39 1.94 -11.12 -3.68
N SER B 40 1.76 -10.75 -4.95
CA SER B 40 2.87 -10.75 -5.91
C SER B 40 3.89 -9.66 -5.62
N LEU B 41 3.40 -8.46 -5.31
CA LEU B 41 4.27 -7.36 -4.96
C LEU B 41 5.15 -7.75 -3.79
N LEU B 42 4.54 -8.25 -2.72
CA LEU B 42 5.27 -8.60 -1.49
C LEU B 42 6.21 -9.80 -1.72
N THR B 43 5.86 -10.71 -2.61
CA THR B 43 6.76 -11.82 -2.96
C THR B 43 8.03 -11.32 -3.67
N SER B 44 7.87 -10.37 -4.61
CA SER B 44 9.01 -9.72 -5.29
C SER B 44 9.93 -9.00 -4.31
N LEU B 45 9.32 -8.26 -3.39
CA LEU B 45 10.08 -7.57 -2.34
C LEU B 45 10.84 -8.56 -1.44
N ASN B 46 10.24 -9.71 -1.14
CA ASN B 46 10.97 -10.74 -0.37
C ASN B 46 12.11 -11.36 -1.20
N GLN B 47 11.88 -11.57 -2.50
CA GLN B 47 12.94 -12.08 -3.40
C GLN B 47 14.13 -11.11 -3.45
N LEU B 48 13.83 -9.81 -3.53
CA LEU B 48 14.85 -8.78 -3.48
C LEU B 48 15.55 -8.79 -2.12
N GLY B 49 14.77 -8.94 -1.05
CA GLY B 49 15.34 -9.00 0.29
C GLY B 49 16.32 -10.17 0.43
N GLU B 50 16.01 -11.30 -0.17
CA GLU B 50 16.91 -12.47 -0.12
C GLU B 50 18.25 -12.13 -0.81
N ARG B 51 18.18 -11.45 -1.95
CA ARG B 51 19.36 -11.07 -2.70
C ARG B 51 20.16 -10.01 -1.97
N GLN B 52 19.47 -9.11 -1.28
CA GLN B 52 20.12 -8.09 -0.47
C GLN B 52 20.81 -8.67 0.74
N LEU B 53 20.18 -9.64 1.39
CA LEU B 53 20.79 -10.31 2.53
C LEU B 53 22.13 -10.97 2.15
N LEU B 54 22.15 -11.69 1.03
CA LEU B 54 23.40 -12.24 0.47
C LEU B 54 24.48 -11.15 0.26
N SER B 55 24.07 -10.03 -0.34
CA SER B 55 25.02 -8.96 -0.63
C SER B 55 25.60 -8.40 0.64
N VAL B 56 24.77 -8.27 1.69
CA VAL B 56 25.22 -7.75 2.98
C VAL B 56 26.27 -8.66 3.60
N VAL B 57 26.04 -9.97 3.58
CA VAL B 57 27.01 -10.91 4.13
C VAL B 57 28.31 -10.87 3.32
N LYS B 58 28.22 -10.86 1.98
CA LYS B 58 29.41 -10.71 1.11
C LYS B 58 30.16 -9.39 1.37
N TRP B 59 29.41 -8.30 1.52
CA TRP B 59 29.96 -6.98 1.85
C TRP B 59 30.74 -7.02 3.17
N SER B 60 30.15 -7.64 4.19
CA SER B 60 30.79 -7.73 5.53
C SER B 60 32.14 -8.45 5.50
N LYS B 61 32.29 -9.41 4.59
CA LYS B 61 33.54 -10.16 4.48
C LYS B 61 34.71 -9.31 3.97
N SER B 62 34.40 -8.21 3.27
CA SER B 62 35.42 -7.27 2.78
C SER B 62 35.54 -6.00 3.63
N LEU B 63 34.61 -5.81 4.58
CA LEU B 63 34.60 -4.62 5.46
C LEU B 63 35.78 -4.62 6.42
N PRO B 64 36.68 -3.64 6.34
CA PRO B 64 37.85 -3.69 7.23
C PRO B 64 37.51 -3.81 8.71
N GLY B 65 38.17 -4.75 9.39
CA GLY B 65 37.87 -5.05 10.79
C GLY B 65 36.83 -6.16 11.06
N PHE B 66 35.83 -6.32 10.21
CA PHE B 66 34.69 -7.20 10.56
C PHE B 66 35.04 -8.69 10.66
N ARG B 67 35.81 -9.20 9.71
CA ARG B 67 36.17 -10.62 9.70
C ARG B 67 37.00 -11.03 10.92
N ASN B 68 37.56 -10.04 11.60
CA ASN B 68 38.41 -10.28 12.73
C ASN B 68 37.68 -10.45 14.07
N LEU B 69 36.41 -10.05 14.11
CA LEU B 69 35.54 -10.33 15.26
C LEU B 69 35.26 -11.83 15.29
N HIS B 70 35.03 -12.36 16.48
CA HIS B 70 34.60 -13.77 16.62
C HIS B 70 33.50 -14.04 15.61
N ILE B 71 33.53 -15.19 14.94
CA ILE B 71 32.48 -15.50 13.94
C ILE B 71 31.05 -15.40 14.51
N ASP B 72 30.84 -15.82 15.75
CA ASP B 72 29.50 -15.73 16.38
C ASP B 72 29.01 -14.28 16.45
N ASP B 73 29.94 -13.37 16.70
CA ASP B 73 29.64 -11.95 16.74
C ASP B 73 29.30 -11.43 15.35
N GLN B 74 30.02 -11.87 14.34
CA GLN B 74 29.76 -11.45 12.98
C GLN B 74 28.33 -11.82 12.58
N ILE B 75 27.95 -13.08 12.85
CA ILE B 75 26.60 -13.56 12.56
C ILE B 75 25.50 -12.81 13.32
N THR B 76 25.68 -12.64 14.62
CA THR B 76 24.75 -11.87 15.47
C THR B 76 24.55 -10.45 14.95
N LEU B 77 25.66 -9.76 14.64
CA LEU B 77 25.59 -8.37 14.14
C LEU B 77 24.84 -8.30 12.80
N ILE B 78 25.11 -9.24 11.89
CA ILE B 78 24.32 -9.31 10.63
C ILE B 78 22.83 -9.57 10.90
N GLN B 79 22.55 -10.54 11.77
CA GLN B 79 21.18 -10.86 12.10
C GLN B 79 20.44 -9.71 12.74
N TYR B 80 21.11 -9.00 13.63
CA TYR B 80 20.52 -7.84 14.30
C TYR B 80 20.27 -6.68 13.34
N SER B 81 21.22 -6.43 12.44
CA SER B 81 21.20 -5.19 11.63
C SER B 81 20.68 -5.30 10.20
N TRP B 82 20.39 -6.50 9.71
N TRP B 82 20.39 -6.52 9.74
CA TRP B 82 20.06 -6.66 8.29
CA TRP B 82 20.03 -6.74 8.35
C TRP B 82 18.91 -5.77 7.85
C TRP B 82 18.89 -5.85 7.85
N MET B 83 17.83 -5.70 8.65
CA MET B 83 16.67 -4.88 8.28
C MET B 83 17.05 -3.43 8.21
N SER B 84 17.81 -2.98 9.22
CA SER B 84 18.29 -1.62 9.28
C SER B 84 19.13 -1.27 8.07
N LEU B 85 19.99 -2.21 7.64
CA LEU B 85 20.86 -1.98 6.50
C LEU B 85 20.07 -1.93 5.21
N MET B 86 19.08 -2.80 5.08
CA MET B 86 18.23 -2.83 3.90
C MET B 86 17.46 -1.51 3.71
N VAL B 87 16.85 -1.02 4.78
CA VAL B 87 16.08 0.23 4.70
C VAL B 87 16.96 1.46 4.47
N PHE B 88 18.14 1.46 5.07
CA PHE B 88 19.11 2.54 4.91
C PHE B 88 19.58 2.59 3.45
N GLY B 89 19.85 1.42 2.87
CA GLY B 89 20.20 1.31 1.47
C GLY B 89 19.07 1.78 0.58
N LEU B 90 17.85 1.36 0.91
CA LEU B 90 16.66 1.82 0.17
C LEU B 90 16.59 3.35 0.18
N GLY B 91 16.89 3.95 1.34
CA GLY B 91 16.88 5.39 1.48
C GLY B 91 17.92 6.05 0.60
N TRP B 92 19.13 5.48 0.58
CA TRP B 92 20.20 6.01 -0.24
C TRP B 92 19.81 5.98 -1.69
N ARG B 93 19.37 4.81 -2.15
CA ARG B 93 19.00 4.64 -3.53
C ARG B 93 17.88 5.60 -3.96
N SER B 94 16.89 5.76 -3.11
CA SER B 94 15.75 6.63 -3.42
C SER B 94 16.22 8.10 -3.55
N TYR B 95 17.03 8.52 -2.59
CA TYR B 95 17.71 9.82 -2.60
C TYR B 95 18.51 10.05 -3.89
N LYS B 96 19.35 9.09 -4.26
CA LYS B 96 20.27 9.22 -5.38
C LYS B 96 19.60 9.22 -6.75
N HIS B 97 18.67 8.30 -6.92
CA HIS B 97 18.06 8.06 -8.21
C HIS B 97 16.82 8.87 -8.50
N VAL B 98 15.99 9.11 -7.49
CA VAL B 98 14.69 9.78 -7.70
C VAL B 98 14.44 10.91 -6.71
N SER B 99 15.53 11.49 -6.21
CA SER B 99 15.45 12.66 -5.32
C SER B 99 14.54 12.47 -4.10
N GLY B 100 14.47 11.23 -3.62
CA GLY B 100 13.64 10.90 -2.47
C GLY B 100 12.15 10.87 -2.73
N GLN B 101 11.74 10.97 -3.98
CA GLN B 101 10.31 11.16 -4.33
C GLN B 101 9.58 9.87 -4.72
N MET B 102 10.34 8.78 -4.83
CA MET B 102 9.79 7.44 -5.02
C MET B 102 10.68 6.50 -4.21
N LEU B 103 10.22 5.27 -3.99
CA LEU B 103 11.00 4.29 -3.22
C LEU B 103 11.68 3.36 -4.21
N TYR B 104 13.00 3.52 -4.34
CA TYR B 104 13.78 2.83 -5.35
C TYR B 104 14.32 1.55 -4.71
N PHE B 105 13.47 0.52 -4.65
CA PHE B 105 13.89 -0.77 -4.06
C PHE B 105 14.96 -1.41 -4.94
N ALA B 106 14.68 -1.45 -6.25
CA ALA B 106 15.62 -1.95 -7.25
C ALA B 106 15.32 -1.23 -8.56
N PRO B 107 16.23 -1.31 -9.55
CA PRO B 107 15.91 -0.71 -10.88
C PRO B 107 14.68 -1.30 -11.57
N ASP B 108 14.32 -2.54 -11.25
CA ASP B 108 13.11 -3.15 -11.81
C ASP B 108 11.93 -3.13 -10.83
N LEU B 109 12.10 -2.42 -9.72
CA LEU B 109 11.03 -2.31 -8.72
C LEU B 109 11.11 -0.94 -8.02
N ILE B 110 10.51 0.06 -8.65
CA ILE B 110 10.46 1.41 -8.11
C ILE B 110 9.00 1.71 -7.83
N LEU B 111 8.70 2.09 -6.60
CA LEU B 111 7.33 2.36 -6.20
C LEU B 111 7.04 3.84 -5.97
N ASN B 112 6.04 4.33 -6.69
CA ASN B 112 5.44 5.62 -6.43
C ASN B 112 4.17 5.38 -5.60
N GLU B 113 3.50 6.44 -5.18
CA GLU B 113 2.30 6.36 -4.36
C GLU B 113 1.20 5.49 -5.02
N GLN B 114 1.06 5.60 -6.34
CA GLN B 114 0.00 4.90 -7.08
C GLN B 114 0.01 3.37 -6.88
N ARG B 115 1.20 2.79 -6.79
CA ARG B 115 1.37 1.36 -6.65
C ARG B 115 1.28 0.88 -5.19
N MET B 116 1.04 1.79 -4.25
CA MET B 116 0.91 1.44 -2.83
C MET B 116 -0.56 1.44 -2.43
N LYS B 117 -1.24 0.34 -2.72
CA LYS B 117 -2.68 0.27 -2.59
C LYS B 117 -3.07 -0.09 -1.16
N GLU B 118 -2.65 -1.28 -0.73
CA GLU B 118 -3.02 -1.83 0.59
C GLU B 118 -2.60 -0.82 1.66
N SER B 119 -3.50 -0.52 2.60
CA SER B 119 -3.26 0.57 3.54
C SER B 119 -2.07 0.31 4.47
N SER B 120 -1.92 -0.93 4.92
CA SER B 120 -0.85 -1.25 5.88
C SER B 120 0.55 -1.13 5.25
N PHE B 121 0.67 -1.57 3.99
CA PHE B 121 1.92 -1.43 3.23
C PHE B 121 2.20 0.04 2.91
N TYR B 122 1.15 0.77 2.50
CA TYR B 122 1.29 2.19 2.27
C TYR B 122 1.83 2.87 3.54
N SER B 123 1.23 2.56 4.69
CA SER B 123 1.74 3.04 5.99
C SER B 123 3.20 2.70 6.25
N LEU B 124 3.60 1.47 5.95
CA LEU B 124 4.98 1.04 6.10
C LEU B 124 5.87 1.87 5.18
N CYS B 125 5.40 2.10 3.96
CA CYS B 125 6.14 2.91 2.98
C CYS B 125 6.37 4.36 3.45
N LEU B 126 5.36 4.99 4.03
CA LEU B 126 5.50 6.34 4.62
C LEU B 126 6.57 6.37 5.71
N THR B 127 6.60 5.33 6.54
CA THR B 127 7.64 5.22 7.56
C THR B 127 9.03 5.11 6.90
N MET B 128 9.16 4.20 5.94
CA MET B 128 10.44 4.02 5.26
C MET B 128 10.87 5.31 4.56
N TRP B 129 9.90 6.10 4.08
CA TRP B 129 10.17 7.33 3.34
C TRP B 129 10.92 8.39 4.16
N GLN B 130 10.84 8.29 5.48
CA GLN B 130 11.52 9.25 6.36
C GLN B 130 13.02 9.32 6.18
N ILE B 131 13.63 8.19 5.81
CA ILE B 131 15.08 8.16 5.65
C ILE B 131 15.53 8.99 4.42
N PRO B 132 14.99 8.72 3.22
CA PRO B 132 15.43 9.56 2.08
C PRO B 132 15.05 11.03 2.21
N GLN B 133 13.91 11.30 2.87
CA GLN B 133 13.50 12.66 3.22
C GLN B 133 14.58 13.32 4.08
N GLU B 134 15.12 12.60 5.05
CA GLU B 134 16.23 13.15 5.86
C GLU B 134 17.51 13.32 5.06
N PHE B 135 17.76 12.38 4.15
CA PHE B 135 18.96 12.46 3.31
C PHE B 135 18.93 13.71 2.46
N VAL B 136 17.76 13.98 1.87
CA VAL B 136 17.53 15.17 1.05
C VAL B 136 17.66 16.42 1.89
N LYS B 137 17.04 16.42 3.08
CA LYS B 137 17.09 17.57 3.97
C LYS B 137 18.52 17.93 4.39
N LEU B 138 19.27 16.93 4.80
CA LEU B 138 20.63 17.15 5.34
C LEU B 138 21.70 17.18 4.25
N GLN B 139 21.32 16.80 3.04
CA GLN B 139 22.25 16.70 1.93
C GLN B 139 23.42 15.77 2.27
N VAL B 140 23.08 14.56 2.69
CA VAL B 140 24.09 13.55 3.06
C VAL B 140 25.00 13.23 1.86
N SER B 141 26.31 13.17 2.11
CA SER B 141 27.27 12.82 1.05
C SER B 141 27.52 11.31 1.00
N GLN B 142 28.06 10.81 -0.12
CA GLN B 142 28.38 9.39 -0.19
C GLN B 142 29.33 8.96 0.94
N GLU B 143 30.30 9.82 1.24
CA GLU B 143 31.31 9.50 2.24
C GLU B 143 30.68 9.37 3.64
N GLU B 144 29.75 10.27 3.97
CA GLU B 144 29.00 10.21 5.23
C GLU B 144 28.15 8.96 5.29
N PHE B 145 27.41 8.71 4.22
CA PHE B 145 26.55 7.54 4.14
C PHE B 145 27.31 6.22 4.37
N LEU B 146 28.49 6.10 3.77
CA LEU B 146 29.26 4.85 3.86
C LEU B 146 29.74 4.57 5.27
N CYS B 147 30.17 5.62 5.97
CA CYS B 147 30.58 5.48 7.36
C CYS B 147 29.38 5.22 8.27
N MET B 148 28.27 5.93 8.04
CA MET B 148 27.03 5.70 8.79
C MET B 148 26.54 4.28 8.64
N LYS B 149 26.64 3.74 7.44
CA LYS B 149 26.20 2.37 7.17
C LYS B 149 26.99 1.34 7.99
N VAL B 150 28.31 1.54 8.13
CA VAL B 150 29.10 0.63 8.96
C VAL B 150 28.61 0.74 10.42
N LEU B 151 28.42 1.97 10.90
CA LEU B 151 27.94 2.18 12.26
C LEU B 151 26.59 1.51 12.50
N LEU B 152 25.75 1.45 11.48
CA LEU B 152 24.48 0.78 11.59
C LEU B 152 24.66 -0.72 11.81
N LEU B 153 25.62 -1.32 11.11
CA LEU B 153 25.95 -2.72 11.30
C LEU B 153 26.41 -2.97 12.73
N LEU B 154 27.07 -1.95 13.31
CA LEU B 154 27.60 -2.03 14.65
C LEU B 154 26.74 -1.34 15.74
N ASN B 155 25.44 -1.20 15.50
CA ASN B 155 24.63 -0.34 16.37
C ASN B 155 23.72 -1.01 17.38
N THR B 156 23.67 -2.35 17.36
CA THR B 156 22.93 -3.14 18.35
C THR B 156 23.75 -4.38 18.76
N ILE B 157 23.94 -4.56 20.07
CA ILE B 157 24.69 -5.70 20.59
C ILE B 157 23.81 -6.50 21.55
N PRO B 158 24.20 -7.76 21.85
CA PRO B 158 23.36 -8.53 22.78
C PRO B 158 23.43 -7.96 24.19
N LEU B 159 22.42 -8.27 25.02
CA LEU B 159 22.35 -7.74 26.38
C LEU B 159 23.62 -8.08 27.17
N GLU B 160 24.14 -9.28 26.94
CA GLU B 160 25.33 -9.74 27.65
C GLU B 160 26.63 -9.30 26.96
N GLY B 161 26.54 -8.54 25.88
CA GLY B 161 27.71 -8.11 25.12
C GLY B 161 28.19 -9.12 24.10
N LEU B 162 29.30 -8.78 23.45
CA LEU B 162 29.85 -9.59 22.39
C LEU B 162 31.04 -10.38 22.90
N ARG B 163 31.35 -11.48 22.23
CA ARG B 163 32.53 -12.26 22.59
C ARG B 163 33.80 -11.44 22.35
N SER B 164 33.84 -10.72 21.23
CA SER B 164 35.00 -9.89 20.90
C SER B 164 34.68 -8.42 21.22
N GLN B 165 34.25 -8.16 22.45
CA GLN B 165 33.78 -6.82 22.83
C GLN B 165 34.89 -5.77 22.64
N THR B 166 36.12 -6.09 23.02
CA THR B 166 37.21 -5.13 22.88
C THR B 166 37.47 -4.76 21.43
N GLN B 167 37.62 -5.77 20.56
CA GLN B 167 37.80 -5.55 19.12
C GLN B 167 36.64 -4.73 18.56
N PHE B 168 35.42 -5.08 18.96
CA PHE B 168 34.21 -4.40 18.48
C PHE B 168 34.21 -2.92 18.83
N GLU B 169 34.60 -2.61 20.07
CA GLU B 169 34.63 -1.22 20.53
C GLU B 169 35.68 -0.39 19.79
N GLU B 170 36.86 -0.99 19.54
CA GLU B 170 37.89 -0.40 18.69
C GLU B 170 37.40 -0.21 17.24
N MET B 171 36.73 -1.22 16.68
CA MET B 171 36.24 -1.08 15.32
C MET B 171 35.26 0.09 15.24
N ARG B 172 34.33 0.14 16.20
CA ARG B 172 33.28 1.13 16.20
C ARG B 172 33.87 2.52 16.37
N SER B 173 34.90 2.65 17.21
CA SER B 173 35.59 3.91 17.36
C SER B 173 36.27 4.35 16.06
N SER B 174 36.88 3.39 15.33
CA SER B 174 37.58 3.74 14.09
C SER B 174 36.60 4.28 13.07
N TYR B 175 35.41 3.69 13.00
CA TYR B 175 34.43 4.18 12.03
C TYR B 175 33.71 5.48 12.46
N ILE B 176 33.61 5.73 13.77
CA ILE B 176 33.17 7.05 14.26
C ILE B 176 34.17 8.13 13.82
N ARG B 177 35.46 7.86 14.07
CA ARG B 177 36.55 8.73 13.59
C ARG B 177 36.51 8.92 12.07
N GLU B 178 36.15 7.89 11.33
CA GLU B 178 36.08 8.00 9.86
C GLU B 178 34.88 8.84 9.38
N LEU B 179 33.77 8.77 10.10
CA LEU B 179 32.63 9.66 9.89
C LEU B 179 33.00 11.12 10.09
N ILE B 180 33.81 11.36 11.12
CA ILE B 180 34.30 12.70 11.40
C ILE B 180 35.17 13.18 10.23
N LYS B 181 35.98 12.30 9.65
CA LYS B 181 36.78 12.67 8.48
C LYS B 181 35.88 12.92 7.29
N ALA B 182 34.87 12.08 7.11
CA ALA B 182 33.87 12.26 6.05
C ALA B 182 33.18 13.63 6.13
N ILE B 183 32.70 13.97 7.32
CA ILE B 183 32.09 15.27 7.57
C ILE B 183 33.07 16.40 7.25
N GLY B 184 34.32 16.24 7.71
CA GLY B 184 35.34 17.25 7.54
C GLY B 184 35.69 17.55 6.10
N LEU B 185 35.32 16.65 5.19
CA LEU B 185 35.59 16.86 3.78
C LEU B 185 34.80 18.06 3.24
N ARG B 186 33.65 18.34 3.87
CA ARG B 186 32.75 19.41 3.39
C ARG B 186 32.51 20.50 4.43
N GLN B 187 32.22 20.12 5.68
CA GLN B 187 31.95 21.09 6.74
C GLN B 187 33.25 21.63 7.31
N LYS B 188 33.46 22.92 7.08
CA LYS B 188 34.67 23.60 7.49
C LYS B 188 34.39 24.39 8.77
N GLY B 189 35.28 24.25 9.74
CA GLY B 189 35.10 24.85 11.05
C GLY B 189 34.68 23.77 12.02
N VAL B 190 35.15 23.86 13.25
CA VAL B 190 34.88 22.83 14.24
C VAL B 190 33.44 22.90 14.75
N VAL B 191 32.82 24.09 14.71
CA VAL B 191 31.41 24.24 15.14
C VAL B 191 30.46 23.54 14.15
N SER B 192 30.56 23.95 12.88
CA SER B 192 29.74 23.40 11.81
C SER B 192 29.96 21.88 11.71
N SER B 193 31.21 21.46 11.82
CA SER B 193 31.56 20.04 11.80
C SER B 193 30.98 19.29 12.99
N SER B 194 31.09 19.85 14.19
CA SER B 194 30.53 19.26 15.41
C SER B 194 29.02 19.16 15.33
N GLN B 195 28.38 20.20 14.80
CA GLN B 195 26.92 20.25 14.70
C GLN B 195 26.40 19.20 13.71
N ARG B 196 27.10 19.04 12.59
CA ARG B 196 26.73 18.03 11.62
C ARG B 196 26.94 16.62 12.18
N PHE B 197 28.00 16.42 12.94
CA PHE B 197 28.19 15.14 13.61
C PHE B 197 26.97 14.82 14.46
N TYR B 198 26.54 15.78 15.28
CA TYR B 198 25.36 15.59 16.13
C TYR B 198 24.15 15.15 15.29
N GLN B 199 23.94 15.82 14.17
CA GLN B 199 22.79 15.57 13.32
C GLN B 199 22.82 14.18 12.69
N LEU B 200 23.97 13.79 12.17
CA LEU B 200 24.07 12.48 11.53
C LEU B 200 23.93 11.33 12.54
N THR B 201 24.56 11.45 13.71
CA THR B 201 24.45 10.43 14.72
C THR B 201 23.05 10.41 15.37
N LYS B 202 22.40 11.56 15.45
CA LYS B 202 21.02 11.57 15.97
C LYS B 202 20.10 10.81 15.00
N LEU B 203 20.39 10.92 13.71
CA LEU B 203 19.64 10.18 12.69
C LEU B 203 19.78 8.67 12.94
N LEU B 204 21.00 8.23 13.22
CA LEU B 204 21.26 6.81 13.53
C LEU B 204 20.48 6.38 14.77
N ASP B 205 20.56 7.17 15.84
CA ASP B 205 19.75 6.96 17.04
C ASP B 205 18.27 6.78 16.70
N ASN B 206 17.74 7.71 15.90
CA ASN B 206 16.32 7.68 15.51
C ASN B 206 15.93 6.47 14.67
N LEU B 207 16.91 5.85 14.00
CA LEU B 207 16.63 4.67 13.18
C LEU B 207 16.15 3.47 14.00
N HIS B 208 16.60 3.35 15.24
CA HIS B 208 16.18 2.24 16.12
C HIS B 208 14.66 2.18 16.24
N ASP B 209 14.04 3.33 16.46
CA ASP B 209 12.57 3.39 16.61
C ASP B 209 11.87 3.08 15.28
N LEU B 210 12.42 3.58 14.17
CA LEU B 210 11.83 3.33 12.86
C LEU B 210 11.86 1.84 12.47
N VAL B 211 13.01 1.20 12.66
CA VAL B 211 13.21 -0.19 12.26
C VAL B 211 12.32 -1.15 13.09
N LYS B 212 12.02 -0.76 14.32
CA LYS B 212 11.05 -1.51 15.13
C LYS B 212 9.70 -1.70 14.42
N GLN B 213 9.24 -0.65 13.72
CA GLN B 213 8.01 -0.73 12.93
C GLN B 213 8.19 -1.76 11.79
N LEU B 214 9.36 -1.76 11.15
CA LEU B 214 9.67 -2.71 10.08
C LEU B 214 9.77 -4.15 10.59
N HIS B 215 10.41 -4.32 11.75
CA HIS B 215 10.52 -5.61 12.38
C HIS B 215 9.13 -6.22 12.65
N LEU B 216 8.19 -5.42 13.16
CA LEU B 216 6.89 -5.93 13.51
C LEU B 216 6.13 -6.32 12.25
N TYR B 217 6.17 -5.44 11.25
CA TYR B 217 5.48 -5.71 9.99
C TYR B 217 5.98 -7.04 9.39
N CYS B 218 7.28 -7.22 9.44
CA CYS B 218 7.92 -8.44 8.93
C CYS B 218 7.44 -9.69 9.68
N LEU B 219 7.54 -9.66 11.01
CA LEU B 219 7.18 -10.83 11.80
C LEU B 219 5.71 -11.17 11.59
N ASN B 220 4.85 -10.14 11.55
CA ASN B 220 3.43 -10.32 11.23
C ASN B 220 3.21 -11.02 9.89
N THR B 221 3.90 -10.51 8.87
CA THR B 221 3.76 -11.03 7.52
C THR B 221 4.31 -12.47 7.43
N PHE B 222 5.41 -12.73 8.13
CA PHE B 222 6.04 -14.06 8.20
C PHE B 222 5.08 -15.11 8.80
N ILE B 223 4.51 -14.79 9.96
CA ILE B 223 3.52 -15.68 10.61
C ILE B 223 2.30 -15.95 9.72
N GLN B 224 1.81 -14.89 9.09
CA GLN B 224 0.63 -14.98 8.23
C GLN B 224 0.95 -15.35 6.77
N SER B 225 2.17 -15.79 6.48
CA SER B 225 2.63 -15.88 5.08
C SER B 225 1.77 -16.85 4.24
N ARG B 226 1.35 -17.97 4.82
CA ARG B 226 0.50 -18.93 4.11
C ARG B 226 -0.87 -18.35 3.73
N ALA B 227 -1.46 -17.57 4.64
CA ALA B 227 -2.79 -16.97 4.40
C ALA B 227 -2.72 -15.80 3.40
N LEU B 228 -1.68 -14.98 3.51
CA LEU B 228 -1.46 -13.88 2.58
C LEU B 228 -0.92 -14.32 1.21
N SER B 229 -0.52 -15.60 1.11
CA SER B 229 0.14 -16.16 -0.07
C SER B 229 1.46 -15.42 -0.40
N VAL B 230 2.22 -15.09 0.64
CA VAL B 230 3.47 -14.35 0.48
C VAL B 230 4.63 -15.33 0.75
N GLU B 231 5.55 -15.43 -0.21
CA GLU B 231 6.62 -16.39 -0.14
C GLU B 231 7.82 -15.74 0.53
N PHE B 232 8.40 -16.48 1.47
CA PHE B 232 9.60 -16.09 2.18
C PHE B 232 10.74 -17.04 1.85
N PRO B 233 11.74 -16.55 1.09
CA PRO B 233 12.92 -17.36 0.78
C PRO B 233 13.71 -17.81 2.02
N GLU B 234 14.60 -18.76 1.80
CA GLU B 234 15.17 -19.57 2.88
C GLU B 234 16.12 -18.80 3.77
N MET B 235 17.00 -17.99 3.20
CA MET B 235 18.02 -17.31 4.04
C MET B 235 17.40 -16.24 4.95
N MET B 236 16.44 -15.51 4.43
CA MET B 236 15.78 -14.48 5.21
C MET B 236 14.86 -15.11 6.27
N SER B 237 14.22 -16.23 5.94
CA SER B 237 13.45 -16.99 6.93
C SER B 237 14.29 -17.39 8.15
N GLU B 238 15.51 -17.86 7.91
CA GLU B 238 16.41 -18.20 9.01
C GLU B 238 16.77 -16.99 9.89
N VAL B 239 17.06 -15.83 9.31
CA VAL B 239 17.44 -14.67 10.15
C VAL B 239 16.24 -14.20 10.98
N ILE B 240 15.06 -14.23 10.37
CA ILE B 240 13.81 -13.87 11.04
C ILE B 240 13.55 -14.86 12.20
N ALA B 241 13.58 -16.16 11.91
CA ALA B 241 13.36 -17.20 12.93
C ALA B 241 14.40 -17.17 14.04
N ALA B 242 15.64 -16.83 13.72
CA ALA B 242 16.71 -16.88 14.71
C ALA B 242 16.64 -15.73 15.70
N GLN B 243 16.31 -14.52 15.26
CA GLN B 243 16.47 -13.36 16.15
C GLN B 243 15.30 -12.38 16.22
N LEU B 244 14.38 -12.39 15.28
CA LEU B 244 13.40 -11.30 15.23
C LEU B 244 12.44 -11.27 16.44
N PRO B 245 11.98 -12.43 16.92
CA PRO B 245 11.12 -12.37 18.11
C PRO B 245 11.87 -11.77 19.31
N LYS B 246 13.12 -12.20 19.49
CA LYS B 246 13.95 -11.73 20.59
C LYS B 246 14.26 -10.24 20.45
N ILE B 247 14.56 -9.79 19.23
CA ILE B 247 14.80 -8.38 18.99
C ILE B 247 13.54 -7.53 19.29
N LEU B 248 12.39 -7.97 18.77
CA LEU B 248 11.12 -7.27 19.02
C LEU B 248 10.75 -7.20 20.50
N ALA B 249 11.05 -8.26 21.24
CA ALA B 249 10.84 -8.28 22.69
C ALA B 249 11.78 -7.34 23.45
N GLY B 250 12.71 -6.70 22.75
CA GLY B 250 13.63 -5.76 23.36
C GLY B 250 14.72 -6.44 24.16
N MET B 251 15.05 -7.69 23.82
CA MET B 251 16.14 -8.40 24.49
C MET B 251 17.48 -8.22 23.74
N VAL B 252 17.76 -6.98 23.36
CA VAL B 252 19.03 -6.59 22.77
C VAL B 252 19.37 -5.20 23.33
N LYS B 253 20.62 -4.75 23.16
CA LYS B 253 21.02 -3.42 23.58
C LYS B 253 21.27 -2.54 22.36
N PRO B 254 20.33 -1.62 22.05
CA PRO B 254 20.61 -0.60 21.03
C PRO B 254 21.66 0.36 21.52
N LEU B 255 22.66 0.68 20.69
CA LEU B 255 23.66 1.65 21.10
C LEU B 255 23.21 3.03 20.64
N LEU B 256 23.37 4.00 21.52
CA LEU B 256 22.90 5.36 21.25
C LEU B 256 24.07 6.31 21.33
N PHE B 257 24.10 7.30 20.43
CA PHE B 257 25.09 8.37 20.52
C PHE B 257 24.66 9.47 21.51
N HIS B 258 23.35 9.64 21.69
CA HIS B 258 22.83 10.69 22.58
C HIS B 258 21.80 10.15 23.57
N LYS B 259 21.47 10.97 24.55
CA LYS B 259 20.64 10.58 25.68
C LYS B 259 19.18 10.93 25.41
F2 ORB C . -23.03 -3.51 -2.00
C2 ORB C . -22.32 -3.63 -0.87
C3 ORB C . -22.97 -3.40 0.32
C4 ORB C . -22.24 -3.54 1.51
C5 ORB C . -20.88 -3.90 1.44
CL2 ORB C . -19.88 -4.09 2.83
N6 ORB C . -20.32 -4.10 0.27
C1 ORB C . -20.98 -3.99 -0.87
C7 ORB C . -23.01 -3.28 2.76
C12 ORB C . -24.29 -3.84 2.91
C11 ORB C . -25.04 -3.62 4.05
C10 ORB C . -24.51 -2.82 5.05
C9 ORB C . -23.25 -2.24 4.90
C8 ORB C . -22.50 -2.45 3.75
C13 ORB C . -25.31 -2.54 6.29
C25 ORB C . -24.62 -3.20 7.49
N14 ORB C . -25.38 -1.08 6.51
S15 ORB C . -26.30 -0.09 5.57
O16 ORB C . -27.51 -0.79 5.33
O17 ORB C . -26.29 1.17 6.21
C18 ORB C . -25.45 0.04 4.03
C22 ORB C . -24.25 0.63 3.80
C24 ORB C . -23.40 1.38 4.79
O21 ORB C . -23.97 0.45 2.50
N20 ORB C . -24.85 -0.18 1.95
C19 ORB C . -25.81 -0.50 2.77
C23 ORB C . -27.03 -1.29 2.41
S SO4 D . -3.23 12.91 -13.79
O1 SO4 D . -2.63 11.58 -13.81
O2 SO4 D . -4.30 12.89 -12.79
O3 SO4 D . -3.76 13.23 -15.08
O4 SO4 D . -2.27 13.90 -13.34
F2 ORB E . 13.29 -1.50 4.28
C2 ORB E . 13.29 -2.32 3.22
C3 ORB E . 12.27 -3.20 3.15
C4 ORB E . 12.20 -4.06 2.06
C5 ORB E . 13.23 -4.03 1.12
CL2 ORB E . 13.24 -5.10 -0.23
N6 ORB E . 14.21 -3.15 1.23
C1 ORB E . 14.27 -2.31 2.24
C7 ORB E . 11.05 -4.97 2.11
C12 ORB E . 9.81 -4.45 2.52
C11 ORB E . 8.71 -5.26 2.65
C10 ORB E . 8.85 -6.61 2.36
C9 ORB E . 10.08 -7.15 1.97
C8 ORB E . 11.19 -6.34 1.84
C13 ORB E . 7.67 -7.50 2.52
C25 ORB E . 7.23 -8.10 1.18
N14 ORB E . 8.07 -8.58 3.46
S15 ORB E . 8.49 -8.30 5.03
O16 ORB E . 7.50 -7.47 5.61
O17 ORB E . 8.73 -9.60 5.54
C18 ORB E . 10.04 -7.49 5.19
C22 ORB E . 11.24 -8.08 4.94
C24 ORB E . 11.46 -9.51 4.53
O21 ORB E . 12.17 -7.15 5.15
N20 ORB E . 11.67 -6.09 5.48
C19 ORB E . 10.36 -6.16 5.53
C23 ORB E . 9.42 -5.03 5.89
#